data_4CKQ
#
_entry.id   4CKQ
#
_cell.length_a   46.090
_cell.length_b   47.463
_cell.length_c   53.620
_cell.angle_alpha   83.15
_cell.angle_beta   73.41
_cell.angle_gamma   65.87
#
_symmetry.space_group_name_H-M   'P 1'
#
loop_
_entity.id
_entity.type
_entity.pdbx_description
1 polymer 'CARBOHYDRATE BINDING FAMILY 6'
2 polymer '4 HISTIDINES FROM PROTEOLYSED HIS-TAG'
3 non-polymer 'MALONIC ACID'
4 water water
#
loop_
_entity_poly.entity_id
_entity_poly.type
_entity_poly.pdbx_seq_one_letter_code
_entity_poly.pdbx_strand_id
1 'polypeptide(L)'
;MGSSHHHHHHSSGLVPRGSHMASATINLSAEKQVIRGFGGMNHPVWISDLTPQQRDTAFGNGEGQLGFTILRIHVDENRN
NWSKEVATARRAIELGAIVSASPWNPPSNMVETFTRNGVPNQKRLRYDKYGDYVQHLNDFVAYMKSNGVDLYAISVQNEP
DYAHEWTWWTPQEMLRFMRDYAGQINCRVMAPESFQYLKNMSDPILNDPQALANLDILGAHFYGTTVNNMPYPLFEQKGA
GKELWMTEVYVPNSDSNSADRWPEALEVAHNMHNALVEGNFQAYVWWYIRRSYGPMKEDGTISKRGYMMAHYSKFVRPGY
VRVDATKNPTYNVYLSACKNKKDNSVVAVVINKSTEAKTINISVPGTSIRKWERYVTTGSKNLRKESDINASGTTFQVTL
EPQSVTTFV
;
A
2 'polypeptide(L)' HHHH C
#
# COMPACT_ATOMS: atom_id res chain seq x y z
N HIS A 20 -34.24 -4.18 13.27
CA HIS A 20 -33.33 -4.71 14.34
C HIS A 20 -32.00 -3.91 14.32
N MET A 21 -31.25 -3.94 15.43
CA MET A 21 -30.07 -3.08 15.55
C MET A 21 -28.73 -3.71 16.05
N ALA A 22 -27.78 -3.69 15.13
CA ALA A 22 -26.46 -4.19 15.36
C ALA A 22 -25.63 -3.26 16.25
N SER A 23 -24.59 -3.83 16.82
CA SER A 23 -23.69 -3.06 17.66
C SER A 23 -22.21 -3.25 17.33
N ALA A 24 -21.42 -2.23 17.63
CA ALA A 24 -19.98 -2.27 17.50
C ALA A 24 -19.38 -1.45 18.62
N THR A 25 -18.13 -1.76 18.98
CA THR A 25 -17.35 -1.01 19.93
C THR A 25 -16.02 -0.66 19.35
N ILE A 26 -15.63 0.63 19.48
CA ILE A 26 -14.25 1.08 19.17
C ILE A 26 -13.53 1.29 20.49
N ASN A 27 -12.38 0.63 20.66
CA ASN A 27 -11.60 0.73 21.90
C ASN A 27 -10.36 1.59 21.62
N LEU A 28 -10.40 2.87 21.99
CA LEU A 28 -9.30 3.80 21.74
C LEU A 28 -8.04 3.48 22.53
N SER A 29 -8.13 2.65 23.59
CA SER A 29 -6.98 2.29 24.39
C SER A 29 -6.23 1.04 23.89
N ALA A 30 -6.77 0.36 22.87
CA ALA A 30 -6.13 -0.85 22.31
C ALA A 30 -5.49 -0.49 20.95
N GLU A 31 -4.28 0.08 21.00
CA GLU A 31 -3.60 0.56 19.80
C GLU A 31 -2.95 -0.63 19.06
N LYS A 32 -3.05 -0.60 17.74
CA LYS A 32 -2.49 -1.61 16.82
C LYS A 32 -1.41 -0.92 15.98
N GLN A 33 -1.37 -1.09 14.66
CA GLN A 33 -0.25 -0.54 13.89
C GLN A 33 -0.36 0.94 13.57
N VAL A 34 0.77 1.64 13.57
CA VAL A 34 0.85 3.01 13.08
C VAL A 34 0.75 3.02 11.55
N ILE A 35 -0.10 3.90 11.02
CA ILE A 35 -0.32 3.98 9.61
C ILE A 35 0.81 4.79 8.98
N ARG A 36 1.43 4.25 7.92
CA ARG A 36 2.42 4.94 7.10
C ARG A 36 1.84 5.67 5.91
N GLY A 37 0.81 5.12 5.26
CA GLY A 37 0.12 5.81 4.21
C GLY A 37 -0.40 4.92 3.07
N PHE A 38 -0.83 5.56 1.97
CA PHE A 38 -1.53 4.95 0.89
C PHE A 38 -1.00 5.56 -0.44
N GLY A 39 -0.98 4.81 -1.56
CA GLY A 39 -0.66 5.44 -2.80
C GLY A 39 -0.65 4.47 -3.96
N GLY A 40 0.30 4.71 -4.90
CA GLY A 40 0.34 3.93 -6.13
C GLY A 40 1.63 4.10 -6.92
N MET A 41 1.67 3.46 -8.08
CA MET A 41 2.84 3.40 -8.92
C MET A 41 2.87 4.46 -10.04
N ASN A 42 4.09 4.98 -10.22
CA ASN A 42 4.44 5.72 -11.48
C ASN A 42 5.47 4.91 -12.25
N HIS A 43 5.35 4.82 -13.58
CA HIS A 43 6.35 4.10 -14.37
C HIS A 43 6.47 4.78 -15.78
N PRO A 44 7.35 5.80 -15.88
CA PRO A 44 7.43 6.59 -17.14
C PRO A 44 8.23 5.93 -18.26
N VAL A 45 8.80 4.74 -18.03
CA VAL A 45 9.49 3.93 -19.07
C VAL A 45 8.50 2.97 -19.72
N TRP A 46 7.61 2.34 -18.97
CA TRP A 46 6.60 1.42 -19.55
C TRP A 46 5.35 2.15 -20.04
N ILE A 47 4.92 3.25 -19.36
CA ILE A 47 3.71 4.00 -19.75
C ILE A 47 4.04 5.50 -19.69
N SER A 48 3.04 6.34 -19.97
CA SER A 48 3.28 7.79 -19.88
C SER A 48 3.44 8.24 -18.43
N ASP A 49 4.43 9.11 -18.11
CA ASP A 49 4.50 9.76 -16.79
C ASP A 49 3.20 10.45 -16.41
N LEU A 50 3.01 10.63 -15.11
CA LEU A 50 1.99 11.59 -14.70
C LEU A 50 2.31 12.98 -15.26
N THR A 51 1.26 13.71 -15.62
CA THR A 51 1.38 15.12 -16.02
C THR A 51 1.50 16.00 -14.76
N PRO A 52 1.89 17.30 -14.90
CA PRO A 52 1.90 18.19 -13.74
C PRO A 52 0.56 18.24 -12.96
N GLN A 53 -0.55 18.36 -13.69
CA GLN A 53 -1.85 18.46 -13.02
CA GLN A 53 -1.93 18.43 -13.03
C GLN A 53 -2.16 17.10 -12.33
N GLN A 54 -1.78 15.97 -12.95
CA GLN A 54 -2.07 14.64 -12.36
C GLN A 54 -1.24 14.38 -11.13
N ARG A 55 -0.03 14.92 -11.08
CA ARG A 55 0.78 14.79 -9.87
C ARG A 55 0.05 15.44 -8.66
N ASP A 56 -0.55 16.61 -8.90
CA ASP A 56 -1.31 17.32 -7.87
C ASP A 56 -2.61 16.60 -7.50
N THR A 57 -3.32 16.05 -8.48
CA THR A 57 -4.53 15.26 -8.19
C THR A 57 -4.20 14.04 -7.32
N ALA A 58 -3.04 13.40 -7.52
CA ALA A 58 -2.65 12.25 -6.78
C ALA A 58 -2.25 12.56 -5.35
N PHE A 59 -1.35 13.54 -5.17
CA PHE A 59 -0.64 13.76 -3.95
C PHE A 59 -1.15 14.92 -3.10
N GLY A 60 -1.96 15.81 -3.69
CA GLY A 60 -2.62 16.81 -2.82
C GLY A 60 -3.77 16.16 -2.06
N ASN A 61 -4.32 16.84 -1.05
CA ASN A 61 -5.47 16.35 -0.28
C ASN A 61 -6.62 17.33 -0.28
N GLY A 62 -6.71 18.23 -1.27
CA GLY A 62 -7.85 19.07 -1.43
C GLY A 62 -9.06 18.34 -1.97
N GLU A 63 -10.20 19.03 -2.08
CA GLU A 63 -11.34 18.53 -2.76
CA GLU A 63 -11.33 18.45 -2.75
C GLU A 63 -10.94 18.12 -4.17
N GLY A 64 -11.42 16.99 -4.64
CA GLY A 64 -11.09 16.47 -5.96
C GLY A 64 -9.67 15.88 -6.15
N GLN A 65 -8.97 15.62 -5.06
CA GLN A 65 -7.65 15.03 -5.07
C GLN A 65 -7.71 13.78 -4.19
N LEU A 66 -6.78 12.85 -4.46
CA LEU A 66 -6.79 11.53 -3.81
C LEU A 66 -6.21 11.46 -2.43
N GLY A 67 -5.33 12.42 -2.07
CA GLY A 67 -4.65 12.35 -0.78
C GLY A 67 -3.62 11.27 -0.57
N PHE A 68 -3.00 10.82 -1.67
CA PHE A 68 -1.98 9.78 -1.53
C PHE A 68 -0.75 10.39 -0.85
N THR A 69 -0.08 9.55 -0.06
CA THR A 69 1.09 9.92 0.71
C THR A 69 2.28 8.96 0.50
N ILE A 70 2.14 8.01 -0.43
CA ILE A 70 3.27 7.09 -0.85
C ILE A 70 3.30 7.04 -2.39
N LEU A 71 4.47 7.32 -2.95
CA LEU A 71 4.78 7.06 -4.36
C LEU A 71 5.72 5.86 -4.46
N ARG A 72 5.35 4.88 -5.29
CA ARG A 72 6.27 3.81 -5.68
C ARG A 72 6.75 4.07 -7.12
N ILE A 73 8.07 3.82 -7.29
CA ILE A 73 8.77 3.96 -8.58
C ILE A 73 9.64 2.72 -8.82
N HIS A 74 10.10 2.55 -10.06
CA HIS A 74 11.04 1.48 -10.46
C HIS A 74 12.46 1.97 -10.53
N VAL A 75 13.40 1.03 -10.29
CA VAL A 75 14.86 1.26 -10.43
C VAL A 75 15.25 0.67 -11.78
N ASP A 76 15.45 1.51 -12.80
CA ASP A 76 15.76 0.98 -14.12
C ASP A 76 17.08 0.26 -14.16
N GLU A 77 17.13 -0.83 -14.93
CA GLU A 77 18.38 -1.56 -15.16
CA GLU A 77 18.38 -1.56 -15.19
C GLU A 77 19.38 -0.69 -15.98
N ASN A 78 18.87 0.23 -16.77
CA ASN A 78 19.67 1.17 -17.60
C ASN A 78 19.68 2.55 -16.90
N ARG A 79 20.84 2.96 -16.34
CA ARG A 79 20.94 4.24 -15.66
C ARG A 79 20.61 5.48 -16.54
N ASN A 80 20.67 5.35 -17.86
CA ASN A 80 20.25 6.46 -18.69
C ASN A 80 18.76 6.80 -18.62
N ASN A 81 17.96 5.92 -18.00
CA ASN A 81 16.53 6.14 -17.79
C ASN A 81 16.21 6.76 -16.40
N TRP A 82 17.17 6.85 -15.50
CA TRP A 82 16.87 7.28 -14.13
C TRP A 82 16.31 8.70 -14.09
N SER A 83 16.78 9.59 -14.98
CA SER A 83 16.28 10.98 -14.98
C SER A 83 14.78 11.09 -15.21
N LYS A 84 14.19 10.08 -15.86
CA LYS A 84 12.74 10.12 -16.15
C LYS A 84 11.86 10.09 -14.86
N GLU A 85 12.42 9.59 -13.76
CA GLU A 85 11.71 9.48 -12.46
C GLU A 85 11.56 10.79 -11.68
N VAL A 86 12.46 11.71 -11.98
CA VAL A 86 12.73 12.82 -11.06
C VAL A 86 11.58 13.81 -10.91
N ALA A 87 10.98 14.25 -12.00
CA ALA A 87 9.96 15.27 -11.86
C ALA A 87 8.72 14.84 -11.00
N THR A 88 8.21 13.64 -11.28
CA THR A 88 7.11 13.15 -10.45
C THR A 88 7.52 12.92 -9.02
N ALA A 89 8.70 12.34 -8.79
CA ALA A 89 9.11 12.02 -7.43
C ALA A 89 9.35 13.33 -6.59
N ARG A 90 9.94 14.34 -7.22
CA ARG A 90 10.12 15.63 -6.54
CA ARG A 90 10.14 15.64 -6.57
C ARG A 90 8.78 16.26 -6.15
N ARG A 91 7.82 16.24 -7.07
CA ARG A 91 6.50 16.89 -6.73
C ARG A 91 5.77 16.12 -5.64
N ALA A 92 5.84 14.76 -5.69
CA ALA A 92 5.25 13.93 -4.61
C ALA A 92 5.80 14.32 -3.27
N ILE A 93 7.12 14.44 -3.16
CA ILE A 93 7.78 14.81 -1.90
C ILE A 93 7.37 16.24 -1.46
N GLU A 94 7.37 17.19 -2.39
CA GLU A 94 7.00 18.57 -2.07
C GLU A 94 5.58 18.60 -1.50
N LEU A 95 4.63 17.73 -2.03
CA LEU A 95 3.29 17.64 -1.50
C LEU A 95 3.13 16.75 -0.24
N GLY A 96 4.22 16.28 0.32
CA GLY A 96 4.24 15.56 1.57
C GLY A 96 4.32 14.03 1.55
N ALA A 97 4.48 13.44 0.37
CA ALA A 97 4.62 12.01 0.19
C ALA A 97 6.02 11.50 0.44
N ILE A 98 6.12 10.19 0.73
CA ILE A 98 7.38 9.45 0.81
C ILE A 98 7.48 8.61 -0.47
N VAL A 99 8.71 8.26 -0.85
CA VAL A 99 8.99 7.53 -2.09
C VAL A 99 9.73 6.23 -1.81
N SER A 100 9.24 5.13 -2.37
CA SER A 100 10.00 3.84 -2.31
CA SER A 100 9.96 3.81 -2.31
C SER A 100 10.25 3.33 -3.73
N ALA A 101 11.36 2.64 -3.92
CA ALA A 101 11.77 2.21 -5.27
C ALA A 101 12.02 0.71 -5.32
N SER A 102 11.57 0.06 -6.39
CA SER A 102 11.75 -1.39 -6.59
C SER A 102 12.41 -1.67 -7.93
N PRO A 103 13.40 -2.57 -7.96
CA PRO A 103 14.02 -3.02 -9.24
C PRO A 103 13.27 -4.27 -9.75
N TRP A 104 13.24 -4.40 -11.10
CA TRP A 104 12.69 -5.56 -11.79
C TRP A 104 13.86 -6.43 -12.28
N ASN A 105 14.93 -5.85 -12.86
CA ASN A 105 16.14 -6.63 -13.23
C ASN A 105 17.37 -5.85 -12.84
N PRO A 106 18.48 -6.55 -12.53
CA PRO A 106 19.82 -5.93 -12.55
C PRO A 106 20.25 -5.53 -13.95
N PRO A 107 21.26 -4.63 -14.03
CA PRO A 107 21.88 -4.43 -15.36
C PRO A 107 22.24 -5.78 -16.02
N SER A 108 22.12 -5.86 -17.37
CA SER A 108 22.31 -7.13 -18.07
C SER A 108 23.66 -7.82 -17.86
N ASN A 109 24.72 -7.05 -17.61
CA ASN A 109 26.00 -7.71 -17.41
CA ASN A 109 26.03 -7.67 -17.39
C ASN A 109 26.11 -8.43 -16.07
N MET A 110 25.13 -8.26 -15.18
CA MET A 110 25.09 -8.99 -13.91
C MET A 110 24.21 -10.22 -13.89
N VAL A 111 23.47 -10.43 -14.98
CA VAL A 111 22.44 -11.49 -15.11
C VAL A 111 23.01 -12.71 -15.83
N GLU A 112 22.57 -13.89 -15.44
CA GLU A 112 22.77 -15.13 -16.23
C GLU A 112 21.47 -15.89 -16.34
N THR A 113 21.45 -16.93 -17.16
CA THR A 113 20.26 -17.76 -17.31
C THR A 113 20.38 -19.13 -16.65
N PHE A 114 19.25 -19.74 -16.47
CA PHE A 114 19.15 -21.09 -15.94
C PHE A 114 17.82 -21.66 -16.40
N THR A 115 17.66 -22.97 -16.22
CA THR A 115 16.42 -23.65 -16.52
C THR A 115 15.65 -23.92 -15.21
N ARG A 116 14.42 -23.39 -15.13
CA ARG A 116 13.59 -23.42 -13.92
C ARG A 116 12.35 -24.24 -14.15
N ASN A 117 12.23 -25.32 -13.38
CA ASN A 117 11.17 -26.29 -13.60
C ASN A 117 10.98 -26.67 -15.06
N GLY A 118 12.11 -26.94 -15.68
CA GLY A 118 12.19 -27.34 -17.08
C GLY A 118 11.96 -26.21 -18.10
N VAL A 119 11.71 -24.98 -17.65
CA VAL A 119 11.59 -23.84 -18.59
C VAL A 119 12.93 -23.12 -18.76
N PRO A 120 13.48 -23.10 -20.02
CA PRO A 120 14.87 -22.61 -20.13
C PRO A 120 14.95 -21.08 -20.22
N ASN A 121 16.16 -20.54 -20.22
CA ASN A 121 16.38 -19.10 -20.51
C ASN A 121 15.82 -18.14 -19.46
N GLN A 122 15.65 -18.65 -18.24
CA GLN A 122 15.13 -17.82 -17.12
C GLN A 122 16.28 -17.01 -16.51
N LYS A 123 15.99 -15.84 -15.97
CA LYS A 123 17.01 -14.90 -15.44
C LYS A 123 17.19 -14.98 -13.96
N ARG A 124 18.47 -14.87 -13.48
CA ARG A 124 18.80 -14.66 -12.11
C ARG A 124 20.02 -13.77 -11.99
N LEU A 125 20.25 -13.14 -10.85
CA LEU A 125 21.51 -12.42 -10.54
C LEU A 125 22.64 -13.44 -10.39
N ARG A 126 23.72 -13.27 -11.15
CA ARG A 126 24.91 -14.07 -10.95
C ARG A 126 25.40 -14.05 -9.52
N TYR A 127 25.81 -15.24 -9.00
CA TYR A 127 26.27 -15.30 -7.63
C TYR A 127 27.54 -14.51 -7.38
N ASP A 128 28.32 -14.31 -8.45
CA ASP A 128 29.57 -13.53 -8.33
C ASP A 128 29.39 -12.00 -8.49
N LYS A 129 28.14 -11.54 -8.64
CA LYS A 129 27.80 -10.13 -8.87
C LYS A 129 26.92 -9.52 -7.72
N TYR A 130 26.79 -10.21 -6.59
CA TYR A 130 25.96 -9.68 -5.49
C TYR A 130 26.51 -8.30 -5.00
N GLY A 131 27.85 -8.16 -4.88
CA GLY A 131 28.43 -6.88 -4.51
C GLY A 131 28.26 -5.79 -5.55
N ASP A 132 28.39 -6.12 -6.84
CA ASP A 132 28.11 -5.17 -7.89
CA ASP A 132 28.14 -5.16 -7.89
C ASP A 132 26.67 -4.70 -7.85
N TYR A 133 25.75 -5.62 -7.53
CA TYR A 133 24.29 -5.24 -7.48
C TYR A 133 24.05 -4.26 -6.30
N VAL A 134 24.66 -4.48 -5.12
CA VAL A 134 24.66 -3.47 -4.05
C VAL A 134 25.10 -2.11 -4.59
N GLN A 135 26.19 -2.08 -5.33
CA GLN A 135 26.65 -0.80 -5.84
C GLN A 135 25.65 -0.14 -6.82
N HIS A 136 25.03 -0.91 -7.70
CA HIS A 136 23.97 -0.40 -8.60
C HIS A 136 22.83 0.23 -7.78
N LEU A 137 22.36 -0.44 -6.74
CA LEU A 137 21.26 0.12 -5.89
C LEU A 137 21.75 1.41 -5.21
N ASN A 138 22.96 1.37 -4.65
CA ASN A 138 23.49 2.58 -4.04
C ASN A 138 23.68 3.72 -5.01
N ASP A 139 24.09 3.42 -6.23
CA ASP A 139 24.24 4.45 -7.24
C ASP A 139 22.87 5.10 -7.53
N PHE A 140 21.79 4.30 -7.63
CA PHE A 140 20.43 4.87 -7.80
C PHE A 140 20.03 5.76 -6.60
N VAL A 141 20.24 5.27 -5.38
CA VAL A 141 19.96 6.06 -4.16
C VAL A 141 20.70 7.45 -4.23
N ALA A 142 21.98 7.43 -4.57
CA ALA A 142 22.78 8.67 -4.56
C ALA A 142 22.33 9.60 -5.68
N TYR A 143 21.98 9.07 -6.86
CA TYR A 143 21.50 9.87 -7.99
C TYR A 143 20.19 10.53 -7.60
N MET A 144 19.24 9.79 -7.02
CA MET A 144 17.97 10.41 -6.62
CA MET A 144 17.96 10.38 -6.57
C MET A 144 18.22 11.46 -5.50
N LYS A 145 19.11 11.20 -4.57
CA LYS A 145 19.45 12.19 -3.49
C LYS A 145 20.00 13.49 -4.11
N SER A 146 20.85 13.36 -5.13
CA SER A 146 21.41 14.54 -5.80
CA SER A 146 21.43 14.54 -5.77
C SER A 146 20.34 15.38 -6.44
N ASN A 147 19.27 14.74 -6.86
CA ASN A 147 18.14 15.36 -7.51
C ASN A 147 16.98 15.70 -6.60
N GLY A 148 17.20 15.80 -5.31
CA GLY A 148 16.15 16.27 -4.40
C GLY A 148 15.14 15.20 -3.98
N VAL A 149 15.50 13.92 -4.15
CA VAL A 149 14.63 12.77 -3.80
C VAL A 149 15.35 11.82 -2.84
N ASP A 150 15.11 11.99 -1.56
CA ASP A 150 15.71 11.17 -0.52
CA ASP A 150 15.72 11.18 -0.53
C ASP A 150 14.79 9.97 -0.36
N LEU A 151 15.11 8.86 -1.01
CA LEU A 151 14.24 7.67 -0.91
C LEU A 151 14.00 7.16 0.51
N TYR A 152 12.74 6.85 0.81
CA TYR A 152 12.39 6.24 2.08
C TYR A 152 12.94 4.83 2.20
N ALA A 153 12.89 4.07 1.08
CA ALA A 153 13.35 2.66 1.09
C ALA A 153 13.63 2.27 -0.39
N ILE A 154 14.42 1.22 -0.51
CA ILE A 154 14.72 0.56 -1.76
C ILE A 154 14.60 -0.98 -1.55
N SER A 155 13.99 -1.66 -2.53
CA SER A 155 13.77 -3.10 -2.51
C SER A 155 14.86 -3.93 -3.18
N VAL A 156 15.01 -5.15 -2.67
CA VAL A 156 15.95 -6.11 -3.32
C VAL A 156 15.47 -6.57 -4.72
N GLN A 157 14.15 -6.80 -4.86
CA GLN A 157 13.55 -7.35 -6.08
C GLN A 157 12.02 -7.31 -6.04
N ASN A 158 11.42 -6.78 -7.12
CA ASN A 158 9.99 -6.94 -7.36
C ASN A 158 9.61 -8.40 -7.69
N GLU A 159 8.70 -9.00 -6.87
CA GLU A 159 8.19 -10.36 -7.21
C GLU A 159 9.27 -11.36 -7.63
N PRO A 160 10.25 -11.64 -6.71
CA PRO A 160 11.29 -12.69 -6.96
C PRO A 160 10.71 -14.09 -7.25
N ASP A 161 9.41 -14.29 -6.87
CA ASP A 161 8.72 -15.58 -6.98
C ASP A 161 7.64 -15.59 -8.02
N TYR A 162 7.69 -14.58 -8.96
CA TYR A 162 6.79 -14.56 -10.10
C TYR A 162 7.51 -13.89 -11.25
N ALA A 163 8.68 -14.41 -11.63
CA ALA A 163 9.64 -13.67 -12.45
C ALA A 163 9.80 -14.25 -13.86
N HIS A 164 8.71 -14.84 -14.43
CA HIS A 164 8.69 -15.27 -15.82
C HIS A 164 9.18 -14.16 -16.75
N GLU A 165 8.89 -12.90 -16.44
CA GLU A 165 9.26 -11.76 -17.29
C GLU A 165 10.33 -10.83 -16.68
N TRP A 166 11.00 -11.29 -15.65
CA TRP A 166 12.06 -10.49 -15.00
C TRP A 166 13.04 -11.42 -14.24
N THR A 167 13.58 -11.04 -13.07
CA THR A 167 14.66 -11.77 -12.44
C THR A 167 14.13 -12.59 -11.23
N TRP A 168 14.36 -13.91 -11.26
CA TRP A 168 13.97 -14.85 -10.17
C TRP A 168 14.96 -14.85 -9.05
N TRP A 169 14.48 -14.92 -7.81
CA TRP A 169 15.30 -15.28 -6.66
C TRP A 169 14.62 -16.33 -5.81
N THR A 170 15.34 -17.41 -5.50
CA THR A 170 14.88 -18.40 -4.53
C THR A 170 14.88 -17.83 -3.13
N PRO A 171 14.12 -18.46 -2.21
CA PRO A 171 14.22 -18.01 -0.80
C PRO A 171 15.63 -18.00 -0.27
N GLN A 172 16.46 -18.98 -0.64
CA GLN A 172 17.87 -18.99 -0.16
C GLN A 172 18.78 -17.93 -0.79
N GLU A 173 18.54 -17.59 -2.07
CA GLU A 173 19.30 -16.50 -2.74
C GLU A 173 18.96 -15.17 -2.10
N MET A 174 17.64 -14.95 -1.85
CA MET A 174 17.20 -13.74 -1.07
C MET A 174 17.82 -13.67 0.32
N LEU A 175 17.88 -14.83 0.99
CA LEU A 175 18.45 -14.87 2.31
C LEU A 175 19.95 -14.49 2.26
N ARG A 176 20.71 -15.09 1.34
CA ARG A 176 22.16 -14.77 1.30
C ARG A 176 22.34 -13.27 1.08
N PHE A 177 21.57 -12.68 0.16
CA PHE A 177 21.68 -11.23 -0.09
C PHE A 177 21.35 -10.42 1.14
N MET A 178 20.22 -10.72 1.78
CA MET A 178 19.85 -10.02 3.03
C MET A 178 20.87 -10.11 4.17
N ARG A 179 21.42 -11.31 4.32
CA ARG A 179 22.41 -11.62 5.40
C ARG A 179 23.75 -10.97 5.12
N ASP A 180 24.29 -11.15 3.89
CA ASP A 180 25.72 -10.85 3.65
C ASP A 180 25.96 -9.57 2.85
N TYR A 181 24.93 -8.98 2.22
CA TYR A 181 25.08 -7.80 1.37
C TYR A 181 24.23 -6.58 1.72
N ALA A 182 22.97 -6.83 2.15
CA ALA A 182 22.02 -5.71 2.32
C ALA A 182 22.39 -4.67 3.37
N GLY A 183 23.26 -5.03 4.32
CA GLY A 183 23.74 -4.07 5.29
C GLY A 183 24.59 -2.95 4.68
N GLN A 184 25.05 -3.11 3.44
CA GLN A 184 25.86 -2.09 2.76
C GLN A 184 25.01 -1.08 1.99
N ILE A 185 23.69 -1.32 1.86
CA ILE A 185 22.82 -0.41 1.16
C ILE A 185 22.57 0.88 2.01
N ASN A 186 22.72 2.04 1.36
CA ASN A 186 22.64 3.34 2.07
C ASN A 186 21.19 3.91 2.07
N CYS A 187 20.29 3.06 2.53
CA CYS A 187 18.82 3.37 2.48
C CYS A 187 18.16 2.29 3.37
N ARG A 188 16.93 2.54 3.84
CA ARG A 188 16.12 1.41 4.37
C ARG A 188 15.97 0.32 3.26
N VAL A 189 16.06 -0.95 3.66
CA VAL A 189 15.94 -2.09 2.76
C VAL A 189 14.56 -2.75 2.90
N MET A 190 13.90 -2.91 1.79
CA MET A 190 12.58 -3.59 1.65
C MET A 190 12.80 -4.97 1.00
N ALA A 191 12.10 -5.97 1.54
CA ALA A 191 12.17 -7.35 1.01
C ALA A 191 10.96 -8.12 1.57
N PRO A 192 10.51 -9.21 0.90
CA PRO A 192 10.94 -9.70 -0.44
C PRO A 192 9.97 -9.41 -1.57
N GLU A 193 8.90 -8.72 -1.27
CA GLU A 193 7.85 -8.39 -2.25
C GLU A 193 7.31 -9.63 -3.04
N SER A 194 7.01 -10.68 -2.28
CA SER A 194 6.29 -11.82 -2.90
C SER A 194 5.02 -11.39 -3.65
N PHE A 195 4.75 -12.00 -4.80
CA PHE A 195 3.52 -11.64 -5.56
C PHE A 195 2.21 -11.82 -4.79
N GLN A 196 2.21 -12.75 -3.82
CA GLN A 196 1.01 -13.18 -3.12
C GLN A 196 1.23 -13.26 -1.60
N TYR A 197 2.25 -12.55 -1.03
CA TYR A 197 2.56 -12.64 0.37
C TYR A 197 2.82 -14.12 0.78
N LEU A 198 3.59 -14.83 -0.04
CA LEU A 198 3.95 -16.24 0.31
C LEU A 198 5.05 -16.22 1.35
N LYS A 199 4.78 -16.85 2.50
CA LYS A 199 5.63 -16.75 3.65
C LYS A 199 6.98 -17.48 3.45
N ASN A 200 7.03 -18.41 2.51
CA ASN A 200 8.33 -19.08 2.24
C ASN A 200 9.44 -18.15 1.73
N MET A 201 9.05 -16.99 1.12
CA MET A 201 9.99 -16.00 0.69
C MET A 201 10.61 -15.15 1.78
N SER A 202 9.86 -14.99 2.90
CA SER A 202 10.24 -14.11 4.00
C SER A 202 10.65 -14.81 5.27
N ASP A 203 10.11 -16.01 5.50
CA ASP A 203 10.50 -16.77 6.76
C ASP A 203 12.03 -16.86 6.97
N PRO A 204 12.83 -17.14 5.89
CA PRO A 204 14.28 -17.24 6.16
C PRO A 204 14.91 -15.96 6.69
N ILE A 205 14.46 -14.81 6.19
CA ILE A 205 14.97 -13.52 6.65
C ILE A 205 14.61 -13.33 8.18
N LEU A 206 13.33 -13.54 8.52
CA LEU A 206 12.86 -13.37 9.91
C LEU A 206 13.58 -14.29 10.88
N ASN A 207 13.90 -15.50 10.41
CA ASN A 207 14.62 -16.54 11.21
C ASN A 207 16.11 -16.43 11.31
N ASP A 208 16.73 -15.52 10.54
CA ASP A 208 18.21 -15.31 10.63
C ASP A 208 18.50 -13.96 11.26
N PRO A 209 19.18 -13.91 12.43
CA PRO A 209 19.35 -12.62 13.10
C PRO A 209 20.03 -11.52 12.28
N GLN A 210 21.05 -11.88 11.50
CA GLN A 210 21.77 -10.86 10.70
CA GLN A 210 21.79 -10.92 10.68
C GLN A 210 20.93 -10.40 9.53
N ALA A 211 20.26 -11.33 8.81
CA ALA A 211 19.36 -10.90 7.72
C ALA A 211 18.23 -9.97 8.28
N LEU A 212 17.66 -10.34 9.42
CA LEU A 212 16.59 -9.54 10.03
C LEU A 212 17.10 -8.16 10.44
N ALA A 213 18.33 -8.09 10.96
CA ALA A 213 18.91 -6.79 11.27
C ALA A 213 19.00 -5.86 10.04
N ASN A 214 19.29 -6.45 8.86
CA ASN A 214 19.50 -5.68 7.62
C ASN A 214 18.16 -5.38 6.89
N LEU A 215 17.06 -5.96 7.36
CA LEU A 215 15.71 -5.63 6.85
C LEU A 215 15.22 -4.39 7.57
N ASP A 216 14.49 -3.52 6.86
CA ASP A 216 13.79 -2.40 7.49
C ASP A 216 12.27 -2.46 7.21
N ILE A 217 11.86 -2.93 6.02
CA ILE A 217 10.46 -3.03 5.69
C ILE A 217 10.19 -4.38 5.06
N LEU A 218 9.24 -5.11 5.62
CA LEU A 218 8.68 -6.34 5.03
CA LEU A 218 8.71 -6.34 5.00
C LEU A 218 7.63 -5.86 4.02
N GLY A 219 7.93 -6.01 2.74
CA GLY A 219 7.07 -5.70 1.59
C GLY A 219 6.41 -6.91 1.00
N ALA A 220 5.12 -6.80 0.64
CA ALA A 220 4.30 -7.91 0.12
C ALA A 220 3.33 -7.36 -0.94
N HIS A 221 3.06 -8.18 -1.93
CA HIS A 221 1.93 -7.94 -2.89
C HIS A 221 0.78 -8.87 -2.57
N PHE A 222 -0.40 -8.56 -3.12
CA PHE A 222 -1.68 -9.17 -2.70
C PHE A 222 -2.42 -9.93 -3.80
N TYR A 223 -1.75 -10.22 -4.93
CA TYR A 223 -2.44 -10.89 -6.03
C TYR A 223 -2.87 -12.31 -5.65
N GLY A 224 -4.20 -12.51 -5.55
CA GLY A 224 -4.75 -13.82 -5.12
C GLY A 224 -4.60 -14.14 -3.65
N THR A 225 -4.18 -13.15 -2.83
CA THR A 225 -4.03 -13.43 -1.39
C THR A 225 -5.40 -13.44 -0.69
N THR A 226 -5.71 -14.56 -0.03
CA THR A 226 -6.99 -14.70 0.66
C THR A 226 -6.84 -14.21 2.10
N VAL A 227 -7.97 -13.88 2.70
CA VAL A 227 -8.02 -13.39 4.08
C VAL A 227 -7.34 -14.29 5.07
N ASN A 228 -7.51 -15.60 4.95
CA ASN A 228 -6.84 -16.54 5.83
C ASN A 228 -5.31 -16.47 5.78
N ASN A 229 -4.76 -15.94 4.67
CA ASN A 229 -3.32 -15.82 4.49
C ASN A 229 -2.79 -14.41 4.78
N MET A 230 -3.64 -13.53 5.32
CA MET A 230 -3.20 -12.17 5.68
C MET A 230 -2.51 -12.05 7.04
N PRO A 231 -2.86 -12.86 8.06
CA PRO A 231 -2.08 -12.84 9.27
C PRO A 231 -0.65 -13.43 9.04
N TYR A 232 0.30 -12.97 9.85
CA TYR A 232 1.70 -13.47 9.81
C TYR A 232 2.29 -13.66 11.21
N PRO A 233 1.96 -14.80 11.86
CA PRO A 233 2.44 -15.00 13.25
C PRO A 233 3.96 -14.82 13.44
N LEU A 234 4.76 -15.32 12.49
CA LEU A 234 6.20 -15.14 12.68
C LEU A 234 6.63 -13.67 12.68
N PHE A 235 6.01 -12.83 11.85
CA PHE A 235 6.28 -11.41 11.82
C PHE A 235 5.82 -10.73 13.13
N GLU A 236 4.69 -11.14 13.69
CA GLU A 236 4.32 -10.61 15.00
C GLU A 236 5.35 -10.94 16.08
N GLN A 237 5.95 -12.11 15.99
CA GLN A 237 6.96 -12.58 16.95
C GLN A 237 8.30 -11.88 16.76
N LYS A 238 8.78 -11.82 15.51
CA LYS A 238 10.19 -11.42 15.23
C LYS A 238 10.37 -10.03 14.61
N GLY A 239 9.28 -9.34 14.26
CA GLY A 239 9.30 -8.08 13.48
C GLY A 239 9.38 -6.73 14.18
N ALA A 240 9.72 -6.74 15.45
CA ALA A 240 9.93 -5.47 16.20
C ALA A 240 10.90 -4.51 15.45
N GLY A 241 10.44 -3.27 15.29
CA GLY A 241 11.23 -2.27 14.63
C GLY A 241 11.15 -2.31 13.10
N LYS A 242 10.39 -3.23 12.52
CA LYS A 242 10.29 -3.38 11.07
C LYS A 242 8.91 -2.95 10.62
N GLU A 243 8.83 -2.20 9.54
CA GLU A 243 7.53 -1.81 8.97
C GLU A 243 6.95 -2.93 8.11
N LEU A 244 5.61 -2.90 7.88
CA LEU A 244 4.88 -3.90 7.10
C LEU A 244 4.03 -3.18 6.04
N TRP A 245 4.42 -3.34 4.76
CA TRP A 245 3.78 -2.61 3.64
C TRP A 245 3.22 -3.54 2.60
N MET A 246 2.01 -3.27 2.13
CA MET A 246 1.41 -3.96 0.94
C MET A 246 1.73 -3.03 -0.22
N THR A 247 2.80 -3.37 -1.00
CA THR A 247 3.39 -2.48 -1.98
C THR A 247 2.87 -2.54 -3.42
N GLU A 248 1.97 -3.51 -3.74
CA GLU A 248 1.40 -3.53 -5.03
C GLU A 248 0.21 -4.50 -5.12
N VAL A 249 -0.90 -3.99 -5.65
CA VAL A 249 -2.00 -4.82 -6.15
C VAL A 249 -2.88 -3.98 -7.08
N TYR A 250 -3.71 -4.68 -7.87
CA TYR A 250 -5.01 -4.15 -8.35
C TYR A 250 -6.03 -5.25 -8.01
N VAL A 251 -7.28 -4.81 -7.73
CA VAL A 251 -8.38 -5.75 -7.43
C VAL A 251 -9.67 -5.11 -7.92
N PRO A 252 -10.69 -5.94 -8.27
CA PRO A 252 -10.62 -7.40 -8.33
C PRO A 252 -10.05 -7.91 -9.64
N ASN A 253 -9.73 -7.02 -10.59
CA ASN A 253 -9.24 -7.33 -11.94
C ASN A 253 -8.63 -6.10 -12.58
N SER A 254 -7.98 -6.27 -13.73
CA SER A 254 -7.44 -5.19 -14.55
C SER A 254 -8.20 -5.07 -15.83
N ASP A 255 -9.50 -5.39 -15.80
CA ASP A 255 -10.30 -5.26 -17.02
C ASP A 255 -10.26 -3.84 -17.61
N SER A 256 -10.11 -3.74 -18.93
CA SER A 256 -10.14 -2.44 -19.59
C SER A 256 -11.39 -1.67 -19.22
N ASN A 257 -11.21 -0.39 -18.87
CA ASN A 257 -12.32 0.51 -18.63
C ASN A 257 -13.28 0.07 -17.52
N SER A 258 -12.74 -0.57 -16.49
CA SER A 258 -13.53 -1.12 -15.39
C SER A 258 -13.60 -0.18 -14.16
N ALA A 259 -12.83 0.92 -14.14
CA ALA A 259 -12.60 1.65 -12.90
C ALA A 259 -13.84 2.29 -12.28
N ASP A 260 -14.92 2.48 -13.07
CA ASP A 260 -16.15 3.01 -12.54
C ASP A 260 -17.28 1.94 -12.32
N ARG A 261 -16.96 0.67 -12.58
CA ARG A 261 -18.02 -0.37 -12.39
C ARG A 261 -18.48 -0.46 -10.93
N TRP A 262 -19.79 -0.57 -10.75
CA TRP A 262 -20.46 -0.56 -9.47
C TRP A 262 -21.54 -1.65 -9.47
N PRO A 263 -21.63 -2.49 -8.40
CA PRO A 263 -20.93 -2.44 -7.14
C PRO A 263 -19.51 -3.10 -7.06
N GLU A 264 -18.95 -3.46 -8.22
CA GLU A 264 -17.63 -4.10 -8.24
C GLU A 264 -16.56 -3.32 -7.48
N ALA A 265 -16.61 -1.99 -7.58
CA ALA A 265 -15.58 -1.13 -6.93
C ALA A 265 -15.54 -1.38 -5.42
N LEU A 266 -16.64 -1.81 -4.80
CA LEU A 266 -16.62 -2.08 -3.34
C LEU A 266 -15.52 -3.09 -2.95
N GLU A 267 -15.11 -3.96 -3.90
CA GLU A 267 -14.01 -4.93 -3.61
C GLU A 267 -12.70 -4.21 -3.29
N VAL A 268 -12.50 -3.01 -3.82
CA VAL A 268 -11.26 -2.23 -3.45
C VAL A 268 -11.28 -1.85 -1.96
N ALA A 269 -12.39 -1.25 -1.56
CA ALA A 269 -12.54 -0.92 -0.15
C ALA A 269 -12.35 -2.14 0.75
N HIS A 270 -13.03 -3.24 0.38
CA HIS A 270 -12.92 -4.47 1.18
C HIS A 270 -11.50 -5.00 1.27
N ASN A 271 -10.74 -4.96 0.18
CA ASN A 271 -9.38 -5.43 0.21
C ASN A 271 -8.48 -4.54 1.07
N MET A 272 -8.75 -3.22 1.11
CA MET A 272 -8.02 -2.28 2.02
C MET A 272 -8.37 -2.53 3.48
N HIS A 273 -9.66 -2.69 3.74
CA HIS A 273 -10.14 -3.08 5.10
C HIS A 273 -9.38 -4.34 5.57
N ASN A 274 -9.39 -5.36 4.68
CA ASN A 274 -8.76 -6.63 5.01
C ASN A 274 -7.21 -6.40 5.26
N ALA A 275 -6.53 -5.68 4.35
CA ALA A 275 -5.09 -5.41 4.64
C ALA A 275 -4.88 -4.83 6.03
N LEU A 276 -5.64 -3.79 6.33
CA LEU A 276 -5.51 -3.08 7.62
C LEU A 276 -5.82 -3.91 8.85
N VAL A 277 -6.95 -4.61 8.82
CA VAL A 277 -7.51 -5.27 10.03
C VAL A 277 -7.11 -6.73 10.13
N GLU A 278 -7.10 -7.44 8.97
CA GLU A 278 -6.71 -8.88 8.94
C GLU A 278 -5.23 -9.07 8.80
N GLY A 279 -4.57 -8.13 8.11
CA GLY A 279 -3.13 -8.23 7.95
C GLY A 279 -2.28 -7.27 8.77
N ASN A 280 -2.85 -6.31 9.49
CA ASN A 280 -2.06 -5.30 10.25
C ASN A 280 -1.10 -4.49 9.39
N PHE A 281 -1.44 -4.33 8.10
CA PHE A 281 -0.58 -3.57 7.20
C PHE A 281 -0.58 -2.08 7.51
N GLN A 282 0.64 -1.51 7.46
CA GLN A 282 0.84 -0.07 7.67
C GLN A 282 0.72 0.79 6.39
N ALA A 283 0.81 0.16 5.20
CA ALA A 283 0.76 0.91 3.91
C ALA A 283 0.00 0.02 2.92
N TYR A 284 -0.72 0.66 1.97
CA TYR A 284 -1.41 -0.03 0.92
C TYR A 284 -1.20 0.76 -0.36
N VAL A 285 -0.53 0.15 -1.33
CA VAL A 285 -0.02 0.79 -2.52
C VAL A 285 -0.61 0.05 -3.76
N TRP A 286 -1.37 0.78 -4.61
CA TRP A 286 -1.89 0.28 -5.87
C TRP A 286 -0.75 0.14 -6.92
N TRP A 287 -1.04 -0.58 -7.99
CA TRP A 287 -0.28 -0.52 -9.22
C TRP A 287 -0.51 0.87 -9.91
N TYR A 288 -0.44 0.98 -11.24
CA TYR A 288 -0.39 2.31 -11.89
C TYR A 288 -1.49 3.25 -11.32
N ILE A 289 -1.08 4.45 -10.94
CA ILE A 289 -2.03 5.47 -10.45
C ILE A 289 -3.10 5.86 -11.50
N ARG A 290 -2.61 6.18 -12.71
CA ARG A 290 -3.45 6.56 -13.85
C ARG A 290 -3.56 5.37 -14.81
N ARG A 291 -4.77 4.82 -14.96
CA ARG A 291 -4.98 3.66 -15.84
C ARG A 291 -6.51 3.47 -15.93
N SER A 292 -6.98 2.77 -16.93
CA SER A 292 -8.45 2.63 -17.14
C SER A 292 -9.14 1.72 -16.08
N TYR A 293 -8.37 0.97 -15.28
CA TYR A 293 -8.83 0.18 -14.14
C TYR A 293 -8.28 0.69 -12.79
N GLY A 294 -7.68 1.86 -12.80
CA GLY A 294 -6.99 2.42 -11.66
C GLY A 294 -7.76 3.50 -10.90
N PRO A 295 -7.12 4.10 -9.86
CA PRO A 295 -7.80 5.11 -9.04
C PRO A 295 -8.01 6.46 -9.75
N MET A 296 -7.15 6.71 -10.76
CA MET A 296 -7.26 7.95 -11.61
C MET A 296 -7.43 7.50 -13.05
N LYS A 297 -8.53 7.91 -13.71
CA LYS A 297 -8.77 7.54 -15.09
C LYS A 297 -7.88 8.30 -16.08
N GLU A 298 -7.84 7.83 -17.32
CA GLU A 298 -6.99 8.46 -18.32
C GLU A 298 -7.39 9.92 -18.58
N ASP A 299 -8.66 10.34 -18.28
CA ASP A 299 -9.03 11.74 -18.40
C ASP A 299 -8.59 12.60 -17.19
N GLY A 300 -7.83 12.01 -16.23
CA GLY A 300 -7.31 12.75 -15.10
C GLY A 300 -8.24 12.89 -13.87
N THR A 301 -9.49 12.38 -14.02
CA THR A 301 -10.48 12.43 -12.95
C THR A 301 -10.44 11.10 -12.07
N ILE A 302 -10.97 11.21 -10.86
CA ILE A 302 -10.97 10.08 -9.91
C ILE A 302 -12.11 9.11 -10.29
N SER A 303 -11.74 7.81 -10.31
CA SER A 303 -12.69 6.72 -10.65
C SER A 303 -13.42 6.25 -9.36
N LYS A 304 -14.51 5.46 -9.53
CA LYS A 304 -15.11 4.81 -8.33
C LYS A 304 -14.06 4.04 -7.48
N ARG A 305 -13.16 3.30 -8.16
CA ARG A 305 -12.09 2.59 -7.47
C ARG A 305 -11.20 3.59 -6.68
N GLY A 306 -10.92 4.77 -7.29
CA GLY A 306 -10.16 5.81 -6.59
C GLY A 306 -10.89 6.39 -5.35
N TYR A 307 -12.22 6.56 -5.48
CA TYR A 307 -12.99 7.01 -4.31
C TYR A 307 -12.96 6.00 -3.17
N MET A 308 -12.96 4.69 -3.51
CA MET A 308 -12.79 3.63 -2.51
C MET A 308 -11.48 3.84 -1.74
N MET A 309 -10.38 4.02 -2.51
CA MET A 309 -9.10 4.32 -1.85
C MET A 309 -9.13 5.60 -0.94
N ALA A 310 -9.74 6.65 -1.51
CA ALA A 310 -9.87 7.98 -0.89
C ALA A 310 -10.60 7.93 0.49
N HIS A 311 -11.61 7.07 0.63
CA HIS A 311 -12.26 6.87 1.93
C HIS A 311 -11.27 6.59 3.04
N TYR A 312 -10.18 5.90 2.74
CA TYR A 312 -9.02 5.75 3.63
C TYR A 312 -7.99 6.89 3.50
N SER A 313 -7.49 7.08 2.27
CA SER A 313 -6.30 7.98 2.13
C SER A 313 -6.56 9.43 2.52
N LYS A 314 -7.74 9.95 2.26
CA LYS A 314 -8.01 11.39 2.56
C LYS A 314 -8.14 11.66 4.05
N PHE A 315 -8.42 10.62 4.85
CA PHE A 315 -8.87 10.76 6.23
C PHE A 315 -7.95 10.10 7.25
N VAL A 316 -7.38 8.90 6.93
CA VAL A 316 -6.50 8.19 7.85
C VAL A 316 -5.08 8.60 7.46
N ARG A 317 -4.58 9.67 8.06
CA ARG A 317 -3.34 10.31 7.67
C ARG A 317 -2.12 9.61 8.28
N PRO A 318 -0.92 9.79 7.63
CA PRO A 318 0.27 9.13 8.20
C PRO A 318 0.46 9.48 9.68
N GLY A 319 0.81 8.51 10.52
CA GLY A 319 1.00 8.72 11.95
C GLY A 319 -0.22 8.45 12.78
N TYR A 320 -1.39 8.35 12.17
CA TYR A 320 -2.55 7.82 12.88
C TYR A 320 -2.30 6.36 13.30
N VAL A 321 -2.98 5.84 14.33
CA VAL A 321 -2.71 4.46 14.79
C VAL A 321 -4.05 3.70 14.70
N ARG A 322 -4.05 2.54 14.06
CA ARG A 322 -5.26 1.69 14.06
C ARG A 322 -5.59 1.31 15.51
N VAL A 323 -6.87 1.21 15.84
CA VAL A 323 -7.30 0.69 17.14
C VAL A 323 -8.29 -0.47 17.01
N ASP A 324 -8.44 -1.28 18.08
CA ASP A 324 -9.40 -2.37 18.07
CA ASP A 324 -9.36 -2.39 18.03
C ASP A 324 -10.79 -1.87 17.84
N ALA A 325 -11.55 -2.53 16.97
CA ALA A 325 -12.94 -2.17 16.70
C ALA A 325 -13.64 -3.38 16.18
N THR A 326 -14.92 -3.55 16.50
CA THR A 326 -15.71 -4.68 16.03
C THR A 326 -15.62 -4.74 14.48
N LYS A 327 -14.99 -5.78 13.92
CA LYS A 327 -14.65 -5.69 12.49
C LYS A 327 -15.82 -6.05 11.53
N ASN A 328 -16.75 -6.89 11.98
CA ASN A 328 -17.86 -7.37 11.13
C ASN A 328 -19.15 -7.33 11.95
N PRO A 329 -19.72 -6.11 12.20
CA PRO A 329 -20.78 -6.05 13.25
C PRO A 329 -22.08 -6.73 12.83
N THR A 330 -22.31 -6.87 11.55
CA THR A 330 -23.52 -7.61 11.01
C THR A 330 -23.17 -8.12 9.60
N TYR A 331 -23.91 -9.06 9.02
CA TYR A 331 -23.54 -9.61 7.77
C TYR A 331 -23.42 -8.52 6.72
N ASN A 332 -22.35 -8.55 5.92
CA ASN A 332 -22.07 -7.64 4.80
C ASN A 332 -21.58 -6.22 5.28
N VAL A 333 -21.35 -6.04 6.60
CA VAL A 333 -20.84 -4.76 7.07
C VAL A 333 -19.45 -4.96 7.68
N TYR A 334 -18.54 -4.04 7.31
CA TYR A 334 -17.09 -4.14 7.72
C TYR A 334 -16.66 -2.79 8.24
N LEU A 335 -16.07 -2.77 9.45
CA LEU A 335 -15.66 -1.54 10.12
CA LEU A 335 -15.65 -1.53 10.16
C LEU A 335 -14.19 -1.58 10.50
N SER A 336 -13.50 -0.46 10.28
CA SER A 336 -12.15 -0.22 10.85
C SER A 336 -12.09 1.13 11.51
N ALA A 337 -11.17 1.36 12.43
CA ALA A 337 -11.04 2.67 13.10
C ALA A 337 -9.59 2.99 13.41
N CYS A 338 -9.22 4.22 13.15
CA CYS A 338 -7.83 4.72 13.48
C CYS A 338 -7.94 5.99 14.27
N LYS A 339 -7.00 6.21 15.18
CA LYS A 339 -7.02 7.33 16.12
C LYS A 339 -5.90 8.32 15.78
N ASN A 340 -6.19 9.63 15.86
CA ASN A 340 -5.11 10.67 15.84
C ASN A 340 -4.61 10.92 17.26
N LYS A 341 -3.38 10.52 17.54
CA LYS A 341 -2.80 10.65 18.89
C LYS A 341 -2.68 12.13 19.36
N LYS A 342 -2.70 13.11 18.45
CA LYS A 342 -2.63 14.54 18.88
C LYS A 342 -3.84 14.93 19.78
N ASP A 343 -5.05 14.45 19.47
CA ASP A 343 -6.28 14.82 20.22
C ASP A 343 -7.27 13.68 20.49
N ASN A 344 -6.82 12.44 20.27
CA ASN A 344 -7.62 11.21 20.47
C ASN A 344 -8.92 11.23 19.65
N SER A 345 -8.95 11.98 18.53
CA SER A 345 -10.08 11.89 17.61
C SER A 345 -9.96 10.62 16.80
N VAL A 346 -11.10 10.21 16.23
CA VAL A 346 -11.19 8.88 15.52
CA VAL A 346 -11.12 8.93 15.57
C VAL A 346 -11.72 9.04 14.13
N VAL A 347 -11.21 8.22 13.24
CA VAL A 347 -11.69 8.07 11.86
C VAL A 347 -12.22 6.64 11.69
N ALA A 348 -13.51 6.48 11.42
CA ALA A 348 -14.08 5.13 11.21
C ALA A 348 -14.49 4.98 9.74
N VAL A 349 -14.05 3.90 9.11
CA VAL A 349 -14.45 3.64 7.71
C VAL A 349 -15.35 2.38 7.69
N VAL A 350 -16.53 2.50 7.17
CA VAL A 350 -17.56 1.44 7.27
C VAL A 350 -18.12 1.12 5.92
N ILE A 351 -17.99 -0.16 5.53
CA ILE A 351 -18.46 -0.62 4.25
C ILE A 351 -19.76 -1.43 4.44
N ASN A 352 -20.76 -1.13 3.64
CA ASN A 352 -22.02 -1.88 3.57
C ASN A 352 -22.23 -2.47 2.20
N LYS A 353 -22.00 -3.77 2.05
CA LYS A 353 -22.17 -4.49 0.79
C LYS A 353 -23.62 -4.98 0.57
N SER A 354 -24.44 -4.83 1.62
CA SER A 354 -25.89 -5.30 1.50
C SER A 354 -26.71 -4.43 0.54
N THR A 355 -27.77 -5.06 -0.04
CA THR A 355 -28.83 -4.33 -0.75
C THR A 355 -29.85 -3.67 0.22
N GLU A 356 -29.70 -3.91 1.50
CA GLU A 356 -30.50 -3.23 2.56
C GLU A 356 -29.61 -2.26 3.33
N ALA A 357 -30.23 -1.15 3.75
CA ALA A 357 -29.60 -0.22 4.71
C ALA A 357 -29.43 -0.88 6.08
N LYS A 358 -28.40 -0.47 6.80
CA LYS A 358 -28.06 -1.05 8.07
C LYS A 358 -27.85 0.00 9.13
N THR A 359 -28.45 -0.20 10.31
CA THR A 359 -28.33 0.73 11.39
C THR A 359 -27.49 0.09 12.51
N ILE A 360 -26.46 0.80 12.99
CA ILE A 360 -25.48 0.28 13.92
C ILE A 360 -25.34 1.27 15.11
N ASN A 361 -25.39 0.76 16.36
CA ASN A 361 -25.01 1.61 17.48
C ASN A 361 -23.50 1.41 17.72
N ILE A 362 -22.67 2.43 17.46
CA ILE A 362 -21.22 2.37 17.64
C ILE A 362 -20.84 3.03 18.96
N SER A 363 -20.43 2.19 19.91
CA SER A 363 -19.98 2.63 21.24
C SER A 363 -18.49 2.95 21.19
N VAL A 364 -18.13 4.12 21.72
CA VAL A 364 -16.73 4.64 21.79
C VAL A 364 -16.54 5.07 23.24
N PRO A 365 -16.35 4.07 24.12
CA PRO A 365 -16.32 4.41 25.55
C PRO A 365 -15.15 5.37 25.83
N GLY A 366 -15.37 6.33 26.76
CA GLY A 366 -14.31 7.22 27.19
C GLY A 366 -13.95 8.42 26.30
N THR A 367 -14.60 8.53 25.14
CA THR A 367 -14.39 9.68 24.27
C THR A 367 -15.16 10.91 24.77
N SER A 368 -14.55 12.09 24.57
CA SER A 368 -15.24 13.37 24.80
CA SER A 368 -15.26 13.37 24.81
C SER A 368 -15.85 13.92 23.51
N ILE A 369 -15.56 13.25 22.37
CA ILE A 369 -16.13 13.66 21.07
C ILE A 369 -17.65 13.44 21.07
N ARG A 370 -18.40 14.42 20.59
CA ARG A 370 -19.85 14.24 20.55
C ARG A 370 -20.49 14.41 19.20
N LYS A 371 -19.69 14.62 18.17
CA LYS A 371 -20.23 14.82 16.84
C LYS A 371 -19.28 14.20 15.83
N TRP A 372 -19.84 13.48 14.86
CA TRP A 372 -19.08 13.01 13.66
C TRP A 372 -19.63 13.69 12.43
N GLU A 373 -18.74 14.03 11.51
CA GLU A 373 -19.12 14.37 10.15
C GLU A 373 -19.02 13.08 9.35
N ARG A 374 -19.72 13.06 8.22
CA ARG A 374 -19.69 11.85 7.37
C ARG A 374 -19.69 12.13 5.87
N TYR A 375 -18.95 11.29 5.14
CA TYR A 375 -18.80 11.36 3.68
C TYR A 375 -19.16 9.99 3.14
N VAL A 376 -20.05 9.98 2.14
CA VAL A 376 -20.61 8.70 1.61
C VAL A 376 -20.37 8.55 0.10
N THR A 377 -19.99 7.35 -0.32
CA THR A 377 -19.90 6.97 -1.75
C THR A 377 -20.87 5.79 -2.05
N THR A 378 -21.71 5.93 -3.05
CA THR A 378 -22.58 4.87 -3.61
C THR A 378 -22.37 4.80 -5.14
N GLY A 379 -23.25 4.07 -5.87
CA GLY A 379 -23.20 4.08 -7.29
C GLY A 379 -23.54 5.45 -7.88
N SER A 380 -24.16 6.34 -7.09
CA SER A 380 -24.65 7.66 -7.63
C SER A 380 -24.06 8.92 -6.99
N LYS A 381 -23.13 8.80 -6.03
CA LYS A 381 -22.50 9.98 -5.50
C LYS A 381 -21.13 9.60 -4.97
N ASN A 382 -20.22 10.58 -4.94
CA ASN A 382 -18.82 10.38 -4.55
C ASN A 382 -18.44 11.24 -3.41
N LEU A 383 -18.08 10.66 -2.28
CA LEU A 383 -17.65 11.40 -1.08
C LEU A 383 -18.63 12.52 -0.73
N ARG A 384 -19.93 12.26 -0.80
CA ARG A 384 -20.92 13.26 -0.49
C ARG A 384 -21.00 13.52 0.98
N LYS A 385 -20.88 14.80 1.38
CA LYS A 385 -21.01 15.14 2.80
C LYS A 385 -22.48 15.09 3.24
N GLU A 386 -22.82 14.23 4.18
CA GLU A 386 -24.21 14.03 4.60
C GLU A 386 -24.38 14.62 6.02
N SER A 387 -25.56 14.45 6.61
CA SER A 387 -25.83 15.10 7.92
C SER A 387 -24.95 14.56 9.02
N ASP A 388 -24.56 15.49 9.93
CA ASP A 388 -23.70 15.11 11.05
C ASP A 388 -24.42 14.09 11.94
N ILE A 389 -23.61 13.26 12.64
CA ILE A 389 -24.09 12.31 13.66
C ILE A 389 -23.84 12.93 15.03
N ASN A 390 -24.92 13.12 15.78
CA ASN A 390 -24.77 13.52 17.18
C ASN A 390 -24.82 12.35 18.16
N ALA A 391 -23.81 12.21 18.99
CA ALA A 391 -23.74 11.10 19.93
C ALA A 391 -24.75 11.30 21.03
N SER A 392 -25.26 10.17 21.51
CA SER A 392 -26.01 10.10 22.75
C SER A 392 -25.03 9.50 23.77
N GLY A 393 -24.47 10.37 24.66
CA GLY A 393 -23.34 9.96 25.55
C GLY A 393 -22.13 9.57 24.69
N THR A 394 -21.61 8.36 24.87
CA THR A 394 -20.46 7.87 24.04
C THR A 394 -20.92 6.89 22.92
N THR A 395 -22.21 6.85 22.58
CA THR A 395 -22.73 6.00 21.51
C THR A 395 -23.19 6.84 20.29
N PHE A 396 -22.71 6.44 19.11
CA PHE A 396 -23.00 7.12 17.82
C PHE A 396 -23.87 6.14 17.06
N GLN A 397 -25.13 6.47 16.83
CA GLN A 397 -26.03 5.60 16.05
C GLN A 397 -25.98 6.06 14.60
N VAL A 398 -25.53 5.17 13.74
CA VAL A 398 -25.30 5.48 12.31
C VAL A 398 -26.22 4.58 11.43
N THR A 399 -26.64 5.10 10.26
CA THR A 399 -27.37 4.29 9.27
C THR A 399 -26.60 4.33 7.95
N LEU A 400 -26.18 3.16 7.50
CA LEU A 400 -25.40 2.98 6.24
C LEU A 400 -26.32 2.70 5.08
N GLU A 401 -26.30 3.52 4.01
CA GLU A 401 -27.06 3.25 2.82
C GLU A 401 -26.65 1.89 2.23
N PRO A 402 -27.57 1.22 1.55
CA PRO A 402 -27.11 0.01 0.79
C PRO A 402 -25.94 0.27 -0.15
N GLN A 403 -25.07 -0.73 -0.28
CA GLN A 403 -24.02 -0.72 -1.29
C GLN A 403 -23.22 0.60 -1.26
N SER A 404 -22.58 0.84 -0.11
CA SER A 404 -21.95 2.13 0.20
C SER A 404 -20.69 2.00 1.03
N VAL A 405 -19.89 3.05 0.98
CA VAL A 405 -18.81 3.25 1.95
C VAL A 405 -19.03 4.60 2.62
N THR A 406 -18.81 4.65 3.95
CA THR A 406 -18.95 5.90 4.75
C THR A 406 -17.67 6.07 5.53
N THR A 407 -17.10 7.27 5.49
CA THR A 407 -16.05 7.67 6.45
C THR A 407 -16.61 8.68 7.44
N PHE A 408 -16.48 8.38 8.72
CA PHE A 408 -16.89 9.25 9.85
C PHE A 408 -15.64 9.90 10.44
N VAL A 409 -15.68 11.22 10.63
CA VAL A 409 -14.50 11.99 11.16
C VAL A 409 -14.92 13.03 12.16
N HIS B 1 -1.38 -15.55 -13.36
CA HIS B 1 -2.74 -14.88 -13.32
C HIS B 1 -2.72 -13.35 -13.57
N HIS B 2 -1.77 -12.63 -12.96
CA HIS B 2 -1.71 -11.15 -13.01
C HIS B 2 -0.66 -10.62 -13.99
N HIS B 3 -0.73 -9.33 -14.31
CA HIS B 3 0.08 -8.71 -15.41
C HIS B 3 0.18 -9.59 -16.68
N HIS B 4 -0.92 -10.28 -17.03
CA HIS B 4 -0.97 -11.24 -18.16
CA HIS B 4 -0.96 -11.01 -18.31
C HIS B 4 -2.39 -11.27 -18.76
#